data_4NBK
#
_entry.id   4NBK
#
_cell.length_a   115.700
_cell.length_b   115.700
_cell.length_c   79.691
_cell.angle_alpha   90.00
_cell.angle_beta   90.00
_cell.angle_gamma   90.00
#
_symmetry.space_group_name_H-M   'P 43 21 2'
#
loop_
_entity.id
_entity.type
_entity.pdbx_description
1 polymer Caspase-6
2 non-polymer 2-{[(3-methylpyridin-2-yl)amino]methyl}phenol
3 non-polymer 'PHOSPHATE ION'
4 water water
#
_entity_poly.entity_id   1
_entity_poly.type   'polypeptide(L)'
_entity_poly.pdbx_seq_one_letter_code
;MGSAFYKREMFDPAEKYKMDHRRRGIALIFNHERFFWHLTLPERRGTCADRDNLTRRFSDLGFEVKCFNDLKAEELLLKI
HEVSTVSHADADCFVCVFLSHGEGNHIYAYDAKIEIQTLTGLFKGDKCHSLVGKPKIFIIQAARGNQHDVPVIPLDVVDN
QTEKLDTNITEVDAASVYTLPAGADFLMCYSVAEGYYSHRETVNGSWYIQDLCEMLGKYGSSLEFTELLTLVNRKVSQRR
VDFCKDPSAIGKKQVPCFASMLTKKLHFFPKSNGNSHHHHHH
;
_entity_poly.pdbx_strand_id   A,B
#
loop_
_chem_comp.id
_chem_comp.type
_chem_comp.name
_chem_comp.formula
2J5 non-polymer 2-{[(3-methylpyridin-2-yl)amino]methyl}phenol 'C13 H14 N2 O'
PO4 non-polymer 'PHOSPHATE ION' 'O4 P -3'
#
# COMPACT_ATOMS: atom_id res chain seq x y z
N PHE A 5 2.97 -16.88 26.95
CA PHE A 5 2.65 -18.27 27.26
C PHE A 5 1.98 -18.38 28.63
N TYR A 6 2.73 -18.93 29.59
CA TYR A 6 2.34 -18.95 31.00
C TYR A 6 1.98 -17.54 31.47
N LYS A 7 2.69 -16.57 30.93
CA LYS A 7 2.25 -15.19 30.75
C LYS A 7 3.19 -14.64 29.67
N ARG A 8 2.69 -13.79 28.77
CA ARG A 8 3.54 -13.33 27.66
C ARG A 8 4.30 -12.04 28.00
N GLU A 9 5.35 -11.76 27.23
CA GLU A 9 6.24 -10.64 27.50
C GLU A 9 6.90 -9.98 26.27
N MET A 10 7.53 -10.77 25.41
CA MET A 10 8.49 -10.27 24.41
C MET A 10 7.92 -9.92 23.02
N PHE A 11 8.81 -9.66 22.05
CA PHE A 11 8.37 -9.37 20.69
C PHE A 11 7.79 -10.63 20.09
N ASP A 12 6.54 -10.52 19.68
CA ASP A 12 5.76 -11.66 19.20
C ASP A 12 5.50 -11.57 17.69
N PRO A 13 6.06 -12.51 16.92
CA PRO A 13 5.90 -12.52 15.46
C PRO A 13 4.46 -12.70 15.02
N ALA A 14 3.61 -13.17 15.93
CA ALA A 14 2.24 -13.50 15.58
C ALA A 14 1.22 -12.63 16.31
N GLU A 15 1.66 -11.46 16.77
CA GLU A 15 0.77 -10.60 17.54
C GLU A 15 -0.42 -10.16 16.70
N LYS A 16 -1.59 -10.16 17.32
CA LYS A 16 -2.83 -9.76 16.66
C LYS A 16 -3.39 -8.55 17.38
N TYR A 17 -4.06 -7.67 16.62
CA TYR A 17 -4.85 -6.63 17.24
C TYR A 17 -5.87 -7.26 18.19
N LYS A 18 -6.02 -6.66 19.37
CA LYS A 18 -7.02 -7.12 20.33
C LYS A 18 -8.41 -6.78 19.81
N MET A 19 -9.22 -7.79 19.56
CA MET A 19 -10.53 -7.57 18.96
C MET A 19 -11.63 -8.06 19.89
N ASP A 20 -11.45 -7.82 21.18
CA ASP A 20 -12.37 -8.32 22.19
C ASP A 20 -13.12 -7.21 22.92
N HIS A 21 -13.28 -6.05 22.26
CA HIS A 21 -14.01 -4.94 22.88
C HIS A 21 -15.52 -5.23 22.84
N ARG A 22 -16.31 -4.41 23.53
CA ARG A 22 -17.75 -4.61 23.56
C ARG A 22 -18.37 -4.58 22.16
N ARG A 23 -17.88 -3.66 21.33
CA ARG A 23 -18.39 -3.49 19.98
C ARG A 23 -17.28 -3.66 18.94
N ARG A 24 -17.65 -4.14 17.76
CA ARG A 24 -16.70 -4.20 16.65
C ARG A 24 -16.26 -2.79 16.25
N GLY A 25 -17.24 -1.89 16.17
CA GLY A 25 -16.98 -0.51 15.76
C GLY A 25 -17.90 -0.05 14.64
N ILE A 26 -17.68 1.20 14.21
CA ILE A 26 -18.48 1.82 13.19
C ILE A 26 -17.89 1.59 11.79
N ALA A 27 -18.76 1.28 10.83
CA ALA A 27 -18.39 1.29 9.42
C ALA A 27 -19.19 2.35 8.67
N LEU A 28 -18.51 3.40 8.23
CA LEU A 28 -19.12 4.49 7.48
C LEU A 28 -19.09 4.21 5.98
N ILE A 29 -20.21 4.40 5.29
CA ILE A 29 -20.19 4.27 3.84
C ILE A 29 -20.69 5.55 3.19
N PHE A 30 -19.83 6.19 2.42
CA PHE A 30 -20.23 7.39 1.69
C PHE A 30 -20.46 7.02 0.24
N ASN A 31 -21.73 7.05 -0.13
CA ASN A 31 -22.17 6.56 -1.43
C ASN A 31 -22.58 7.71 -2.34
N HIS A 32 -21.89 7.82 -3.48
CA HIS A 32 -22.13 8.93 -4.39
C HIS A 32 -22.50 8.44 -5.78
N GLU A 33 -23.73 8.73 -6.20
CA GLU A 33 -24.24 8.23 -7.47
C GLU A 33 -24.35 9.32 -8.53
N ARG A 34 -24.56 10.55 -8.08
CA ARG A 34 -24.78 11.72 -8.95
C ARG A 34 -24.01 12.93 -8.45
N PHE A 35 -23.72 13.88 -9.34
CA PHE A 35 -22.90 15.02 -8.96
C PHE A 35 -23.46 16.35 -9.50
N PHE A 36 -23.19 17.43 -8.76
CA PHE A 36 -23.61 18.76 -9.19
C PHE A 36 -23.12 19.01 -10.62
N TRP A 37 -23.99 19.59 -11.44
CA TRP A 37 -23.75 19.69 -12.88
C TRP A 37 -22.45 20.41 -13.21
N HIS A 38 -22.06 21.36 -12.36
CA HIS A 38 -20.85 22.14 -12.58
C HIS A 38 -19.59 21.28 -12.52
N LEU A 39 -19.67 20.10 -11.90
CA LEU A 39 -18.50 19.21 -11.82
C LEU A 39 -18.27 18.43 -13.11
N THR A 40 -19.28 18.41 -13.98
CA THR A 40 -19.20 17.66 -15.24
C THR A 40 -18.75 16.22 -15.02
N LEU A 41 -19.45 15.51 -14.13
CA LEU A 41 -19.15 14.11 -13.83
C LEU A 41 -20.33 13.21 -14.15
N PRO A 42 -20.05 12.02 -14.72
CA PRO A 42 -21.13 11.09 -15.05
C PRO A 42 -21.71 10.42 -13.81
N GLU A 43 -22.99 10.04 -13.86
CA GLU A 43 -23.58 9.28 -12.76
C GLU A 43 -22.91 7.91 -12.62
N ARG A 44 -23.04 7.31 -11.45
CA ARG A 44 -22.37 6.06 -11.17
C ARG A 44 -23.36 4.92 -10.93
N ARG A 45 -24.10 4.53 -11.97
CA ARG A 45 -25.05 3.43 -11.86
C ARG A 45 -24.37 2.14 -11.40
N GLY A 46 -24.98 1.47 -10.44
CA GLY A 46 -24.39 0.28 -9.85
C GLY A 46 -23.81 0.51 -8.46
N THR A 47 -23.60 1.77 -8.08
CA THR A 47 -22.99 2.05 -6.80
C THR A 47 -23.91 1.66 -5.63
N CYS A 48 -25.22 1.70 -5.85
CA CYS A 48 -26.14 1.33 -4.76
C CYS A 48 -26.07 -0.17 -4.46
N ALA A 49 -25.80 -0.98 -5.49
CA ALA A 49 -25.57 -2.41 -5.27
C ALA A 49 -24.33 -2.60 -4.41
N ASP A 50 -23.28 -1.82 -4.71
CA ASP A 50 -22.06 -1.84 -3.92
C ASP A 50 -22.34 -1.48 -2.47
N ARG A 51 -23.07 -0.40 -2.25
CA ARG A 51 -23.41 0.05 -0.90
C ARG A 51 -24.15 -1.04 -0.09
N ASP A 52 -25.17 -1.63 -0.70
CA ASP A 52 -25.97 -2.65 -0.03
C ASP A 52 -25.15 -3.91 0.25
N ASN A 53 -24.30 -4.27 -0.70
CA ASN A 53 -23.44 -5.44 -0.58
C ASN A 53 -22.50 -5.29 0.61
N LEU A 54 -21.84 -4.13 0.68
CA LEU A 54 -20.93 -3.80 1.76
C LEU A 54 -21.64 -3.75 3.11
N THR A 55 -22.84 -3.19 3.11
CA THR A 55 -23.63 -3.09 4.32
C THR A 55 -23.90 -4.48 4.90
N ARG A 56 -24.31 -5.43 4.07
CA ARG A 56 -24.56 -6.78 4.55
C ARG A 56 -23.30 -7.45 5.10
N ARG A 57 -22.21 -7.34 4.35
CA ARG A 57 -20.98 -8.05 4.73
C ARG A 57 -20.38 -7.49 6.01
N PHE A 58 -20.32 -6.17 6.11
CA PHE A 58 -19.73 -5.57 7.30
C PHE A 58 -20.66 -5.74 8.51
N SER A 59 -21.97 -5.70 8.29
CA SER A 59 -22.85 -5.90 9.44
C SER A 59 -22.71 -7.34 9.96
N ASP A 60 -22.53 -8.30 9.05
CA ASP A 60 -22.34 -9.69 9.48
C ASP A 60 -21.04 -9.88 10.28
N LEU A 61 -20.07 -8.99 10.06
CA LEU A 61 -18.81 -9.02 10.79
C LEU A 61 -18.92 -8.27 12.13
N GLY A 62 -20.10 -7.71 12.39
CA GLY A 62 -20.36 -7.10 13.69
C GLY A 62 -20.33 -5.58 13.70
N PHE A 63 -20.04 -4.98 12.55
CA PHE A 63 -19.96 -3.52 12.45
C PHE A 63 -21.32 -2.86 12.56
N GLU A 64 -21.34 -1.66 13.14
CA GLU A 64 -22.49 -0.79 13.07
C GLU A 64 -22.35 0.06 11.81
N VAL A 65 -23.11 -0.27 10.77
CA VAL A 65 -22.94 0.41 9.49
C VAL A 65 -23.84 1.62 9.34
N LYS A 66 -23.24 2.75 8.98
CA LYS A 66 -23.98 3.98 8.68
C LYS A 66 -23.69 4.42 7.25
N CYS A 67 -24.73 4.49 6.42
CA CYS A 67 -24.59 4.91 5.03
C CYS A 67 -25.06 6.35 4.84
N PHE A 68 -24.38 7.07 3.96
CA PHE A 68 -24.77 8.43 3.60
C PHE A 68 -24.74 8.58 2.09
N ASN A 69 -25.87 8.99 1.51
CA ASN A 69 -25.98 9.11 0.06
C ASN A 69 -25.86 10.55 -0.44
N ASP A 70 -24.91 10.75 -1.35
CA ASP A 70 -24.74 12.01 -2.07
C ASP A 70 -24.62 13.27 -1.21
N LEU A 71 -23.87 13.18 -0.13
CA LEU A 71 -23.62 14.34 0.70
C LEU A 71 -22.80 15.40 -0.03
N LYS A 72 -23.11 16.66 0.22
CA LYS A 72 -22.24 17.76 -0.16
C LYS A 72 -20.97 17.70 0.67
N ALA A 73 -19.92 18.37 0.20
CA ALA A 73 -18.61 18.30 0.86
C ALA A 73 -18.69 18.76 2.32
N GLU A 74 -19.40 19.86 2.56
CA GLU A 74 -19.53 20.38 3.92
C GLU A 74 -20.24 19.42 4.87
N GLU A 75 -21.31 18.79 4.38
CA GLU A 75 -22.07 17.79 5.14
C GLU A 75 -21.22 16.56 5.43
N LEU A 76 -20.47 16.12 4.42
CA LEU A 76 -19.56 14.98 4.53
C LEU A 76 -18.54 15.20 5.64
N LEU A 77 -17.86 16.34 5.54
CA LEU A 77 -16.84 16.73 6.50
C LEU A 77 -17.41 16.78 7.92
N LEU A 78 -18.58 17.40 8.06
CA LEU A 78 -19.26 17.49 9.34
C LEU A 78 -19.51 16.11 9.94
N LYS A 79 -20.00 15.21 9.10
CA LYS A 79 -20.37 13.87 9.54
C LYS A 79 -19.16 13.05 9.98
N ILE A 80 -18.09 13.10 9.20
CA ILE A 80 -16.92 12.31 9.52
C ILE A 80 -16.20 12.94 10.71
N HIS A 81 -16.23 14.27 10.82
CA HIS A 81 -15.66 14.94 11.99
C HIS A 81 -16.43 14.56 13.25
N GLU A 82 -17.75 14.48 13.12
CA GLU A 82 -18.61 14.02 14.20
C GLU A 82 -18.17 12.63 14.71
N VAL A 83 -17.91 11.71 13.79
CA VAL A 83 -17.51 10.36 14.17
C VAL A 83 -16.08 10.34 14.75
N SER A 84 -15.20 11.18 14.23
CA SER A 84 -13.82 11.21 14.73
C SER A 84 -13.72 11.78 16.14
N THR A 85 -14.74 12.51 16.58
CA THR A 85 -14.67 13.17 17.88
C THR A 85 -15.44 12.44 18.98
N VAL A 86 -16.18 11.39 18.67
CA VAL A 86 -16.79 10.60 19.74
C VAL A 86 -15.81 9.55 20.24
N SER A 87 -16.14 8.93 21.37
CA SER A 87 -15.25 7.93 21.97
C SER A 87 -15.44 6.57 21.32
N HIS A 88 -14.34 6.00 20.85
CA HIS A 88 -14.35 4.65 20.30
C HIS A 88 -13.74 3.68 21.30
N ALA A 89 -13.77 4.05 22.57
CA ALA A 89 -13.11 3.28 23.63
C ALA A 89 -13.63 1.83 23.68
N ASP A 90 -14.92 1.65 23.40
CA ASP A 90 -15.53 0.31 23.44
C ASP A 90 -15.53 -0.41 22.09
N ALA A 91 -14.75 0.09 21.14
CA ALA A 91 -14.72 -0.47 19.79
C ALA A 91 -13.40 -1.15 19.43
N ASP A 92 -13.48 -2.17 18.58
CA ASP A 92 -12.29 -2.85 18.07
C ASP A 92 -11.54 -2.02 17.04
N CYS A 93 -12.30 -1.35 16.17
CA CYS A 93 -11.71 -0.73 15.00
C CYS A 93 -12.66 0.25 14.33
N PHE A 94 -12.22 0.82 13.22
CA PHE A 94 -13.01 1.79 12.47
C PHE A 94 -12.85 1.53 10.97
N VAL A 95 -13.98 1.55 10.24
CA VAL A 95 -13.98 1.37 8.79
C VAL A 95 -14.67 2.55 8.11
N CYS A 96 -14.07 3.05 7.04
CA CYS A 96 -14.68 4.13 6.27
C CYS A 96 -14.58 3.82 4.79
N VAL A 97 -15.72 3.82 4.10
CA VAL A 97 -15.75 3.47 2.68
C VAL A 97 -16.19 4.64 1.83
N PHE A 98 -15.44 4.92 0.76
CA PHE A 98 -15.85 5.94 -0.21
C PHE A 98 -16.16 5.31 -1.55
N LEU A 99 -17.35 5.57 -2.04
CA LEU A 99 -17.80 5.12 -3.36
C LEU A 99 -18.14 6.35 -4.19
N SER A 100 -17.23 6.76 -5.07
CA SER A 100 -17.42 8.01 -5.81
C SER A 100 -16.47 8.07 -7.00
N HIS A 101 -16.34 9.27 -7.58
CA HIS A 101 -15.24 9.55 -8.50
C HIS A 101 -14.12 10.22 -7.72
N GLY A 102 -12.93 10.29 -8.31
CA GLY A 102 -11.80 10.93 -7.67
C GLY A 102 -10.75 11.41 -8.65
N GLU A 103 -9.79 12.17 -8.14
CA GLU A 103 -8.72 12.73 -8.94
C GLU A 103 -7.54 13.09 -8.03
N GLY A 104 -6.37 12.50 -8.28
CA GLY A 104 -5.19 12.81 -7.50
C GLY A 104 -5.39 12.45 -6.04
N ASN A 105 -5.20 13.42 -5.15
CA ASN A 105 -5.46 13.11 -3.74
C ASN A 105 -6.89 13.42 -3.33
N HIS A 106 -7.78 13.60 -4.31
CA HIS A 106 -9.15 14.03 -4.02
C HIS A 106 -10.21 12.97 -4.26
N ILE A 107 -11.24 12.97 -3.42
CA ILE A 107 -12.47 12.24 -3.70
C ILE A 107 -13.58 13.26 -3.87
N TYR A 108 -14.48 13.04 -4.81
CA TYR A 108 -15.60 13.97 -5.01
C TYR A 108 -16.75 13.69 -4.06
N ALA A 109 -17.21 14.72 -3.39
CA ALA A 109 -18.54 14.69 -2.78
C ALA A 109 -19.54 15.13 -3.84
N TYR A 110 -20.76 15.47 -3.44
CA TYR A 110 -21.76 15.86 -4.43
C TYR A 110 -21.37 17.13 -5.18
N ASP A 111 -20.78 18.09 -4.48
CA ASP A 111 -20.59 19.43 -5.03
C ASP A 111 -19.15 19.90 -5.13
N ALA A 112 -18.21 19.15 -4.55
CA ALA A 112 -16.82 19.59 -4.53
C ALA A 112 -15.91 18.42 -4.18
N LYS A 113 -14.62 18.56 -4.43
CA LYS A 113 -13.72 17.50 -4.01
C LYS A 113 -13.16 17.75 -2.62
N ILE A 114 -12.74 16.67 -1.98
CA ILE A 114 -12.19 16.69 -0.64
C ILE A 114 -10.86 15.96 -0.69
N GLU A 115 -9.86 16.49 0.00
CA GLU A 115 -8.56 15.83 0.06
C GLU A 115 -8.59 14.63 1.00
N ILE A 116 -8.11 13.49 0.52
CA ILE A 116 -8.06 12.27 1.33
C ILE A 116 -7.29 12.48 2.63
N GLN A 117 -6.18 13.23 2.58
CA GLN A 117 -5.38 13.47 3.79
C GLN A 117 -6.15 14.25 4.84
N THR A 118 -7.10 15.08 4.41
CA THR A 118 -7.98 15.80 5.33
C THR A 118 -8.86 14.83 6.12
N LEU A 119 -9.37 13.82 5.42
CA LEU A 119 -10.22 12.78 6.01
C LEU A 119 -9.44 11.87 6.97
N THR A 120 -8.31 11.34 6.52
CA THR A 120 -7.55 10.43 7.37
C THR A 120 -6.94 11.17 8.55
N GLY A 121 -6.61 12.44 8.35
CA GLY A 121 -6.00 13.24 9.38
C GLY A 121 -6.86 13.34 10.62
N LEU A 122 -8.17 13.24 10.46
CA LEU A 122 -9.10 13.38 11.58
C LEU A 122 -8.99 12.24 12.57
N PHE A 123 -8.38 11.14 12.15
CA PHE A 123 -8.34 9.94 12.97
C PHE A 123 -6.93 9.60 13.45
N LYS A 124 -5.99 10.53 13.24
CA LYS A 124 -4.62 10.34 13.71
C LYS A 124 -4.42 10.67 15.18
N GLY A 125 -3.52 9.93 15.82
CA GLY A 125 -3.13 10.13 17.21
C GLY A 125 -4.19 10.72 18.13
N ASP A 126 -3.85 11.84 18.76
CA ASP A 126 -4.73 12.42 19.77
C ASP A 126 -5.88 13.24 19.16
N LYS A 127 -6.00 13.24 17.84
CA LYS A 127 -7.21 13.81 17.23
C LYS A 127 -8.31 12.81 17.51
N CYS A 128 -7.93 11.54 17.59
CA CYS A 128 -8.89 10.50 17.91
C CYS A 128 -8.19 9.50 18.82
N HIS A 129 -8.01 9.89 20.08
CA HIS A 129 -7.21 9.10 21.00
C HIS A 129 -7.71 7.67 21.16
N SER A 130 -9.04 7.50 21.17
CA SER A 130 -9.61 6.20 21.49
C SER A 130 -9.47 5.20 20.34
N LEU A 131 -8.93 5.64 19.20
CA LEU A 131 -8.62 4.71 18.10
C LEU A 131 -7.11 4.46 17.94
N VAL A 132 -6.31 5.09 18.80
CA VAL A 132 -4.87 4.89 18.74
C VAL A 132 -4.55 3.43 18.99
N GLY A 133 -3.72 2.85 18.13
CA GLY A 133 -3.34 1.45 18.25
C GLY A 133 -4.41 0.50 17.73
N LYS A 134 -5.46 1.06 17.15
CA LYS A 134 -6.54 0.23 16.58
C LYS A 134 -6.57 0.39 15.06
N PRO A 135 -6.98 -0.67 14.35
CA PRO A 135 -7.05 -0.59 12.88
C PRO A 135 -8.03 0.48 12.43
N LYS A 136 -7.57 1.30 11.50
CA LYS A 136 -8.38 2.33 10.86
C LYS A 136 -8.35 2.05 9.37
N ILE A 137 -9.46 1.52 8.85
CA ILE A 137 -9.46 0.96 7.51
C ILE A 137 -10.29 1.81 6.56
N PHE A 138 -9.64 2.34 5.52
CA PHE A 138 -10.32 3.11 4.49
C PHE A 138 -10.38 2.31 3.20
N ILE A 139 -11.58 2.19 2.64
CA ILE A 139 -11.77 1.46 1.39
C ILE A 139 -12.27 2.45 0.35
N ILE A 140 -11.51 2.58 -0.73
CA ILE A 140 -11.76 3.65 -1.68
C ILE A 140 -12.00 3.10 -3.09
N GLN A 141 -13.25 3.20 -3.52
CA GLN A 141 -13.63 2.86 -4.89
C GLN A 141 -13.90 4.18 -5.61
N ALA A 142 -12.88 4.69 -6.28
CA ALA A 142 -12.94 6.01 -6.88
C ALA A 142 -11.91 6.12 -7.99
N ALA A 143 -12.37 6.53 -9.17
CA ALA A 143 -11.49 6.63 -10.31
C ALA A 143 -11.92 7.82 -11.16
N ARG A 144 -11.43 7.89 -12.40
CA ARG A 144 -11.74 9.05 -13.21
C ARG A 144 -13.06 8.93 -13.96
N GLY A 145 -13.99 9.81 -13.62
CA GLY A 145 -15.26 9.84 -14.33
C GLY A 145 -15.07 10.26 -15.78
N ASN A 146 -15.64 9.49 -16.69
CA ASN A 146 -15.60 9.83 -18.12
C ASN A 146 -16.51 11.04 -18.39
N GLN A 147 -15.91 12.16 -18.78
CA GLN A 147 -16.68 13.39 -18.91
C GLN A 147 -17.26 13.73 -20.30
N HIS A 148 -17.75 12.74 -21.04
CA HIS A 148 -18.46 13.07 -22.28
C HIS A 148 -19.92 13.36 -22.02
N ASP A 149 -20.13 14.24 -21.05
CA ASP A 149 -21.38 14.90 -20.80
C ASP A 149 -21.13 16.40 -20.73
N VAL A 150 -22.20 17.16 -20.85
CA VAL A 150 -22.12 18.60 -21.01
C VAL A 150 -21.90 19.39 -19.72
N PRO A 151 -21.16 20.51 -19.80
CA PRO A 151 -21.33 21.54 -18.78
C PRO A 151 -22.64 22.30 -18.92
N VAL A 152 -23.76 21.59 -18.77
CA VAL A 152 -25.07 22.22 -18.67
C VAL A 152 -25.87 21.53 -17.57
N ILE A 153 -27.04 22.09 -17.28
CA ILE A 153 -27.86 21.66 -16.17
C ILE A 153 -28.83 20.61 -16.67
N PRO A 154 -28.67 19.37 -16.22
CA PRO A 154 -29.40 18.23 -16.77
C PRO A 154 -30.87 18.21 -16.34
N THR A 167 -30.23 -2.61 -18.48
CA THR A 167 -29.27 -3.61 -18.91
C THR A 167 -27.93 -3.46 -18.19
N ASN A 168 -27.25 -4.58 -17.98
CA ASN A 168 -25.99 -4.58 -17.24
C ASN A 168 -24.82 -4.21 -18.15
N ILE A 169 -24.34 -2.97 -18.03
CA ILE A 169 -23.24 -2.47 -18.86
C ILE A 169 -21.99 -2.31 -17.98
N THR A 170 -20.82 -2.59 -18.52
CA THR A 170 -19.60 -2.40 -17.72
C THR A 170 -18.93 -1.08 -18.10
N GLU A 171 -18.91 -0.15 -17.16
CA GLU A 171 -18.21 1.12 -17.34
C GLU A 171 -16.76 0.97 -16.88
N VAL A 172 -15.85 1.55 -17.65
CA VAL A 172 -14.42 1.39 -17.39
C VAL A 172 -13.77 2.77 -17.24
N ASP A 173 -13.21 3.02 -16.06
CA ASP A 173 -12.63 4.32 -15.71
C ASP A 173 -11.15 4.21 -15.41
N ALA A 174 -10.36 5.13 -15.94
CA ALA A 174 -8.92 5.13 -15.67
C ALA A 174 -8.62 5.39 -14.19
N ALA A 175 -7.64 4.67 -13.64
CA ALA A 175 -7.15 4.97 -12.30
C ALA A 175 -6.73 6.43 -12.21
N SER A 176 -7.16 7.12 -11.16
CA SER A 176 -6.83 8.54 -11.02
C SER A 176 -6.47 8.92 -9.60
N VAL A 177 -6.95 8.14 -8.63
CA VAL A 177 -6.72 8.46 -7.23
C VAL A 177 -5.41 7.84 -6.72
N TYR A 178 -4.55 8.71 -6.19
CA TYR A 178 -3.27 8.28 -5.65
C TYR A 178 -3.46 7.20 -4.57
N THR A 179 -2.63 6.18 -4.60
CA THR A 179 -2.73 5.13 -3.59
C THR A 179 -1.99 5.59 -2.33
N LEU A 180 -2.60 6.53 -1.63
CA LEU A 180 -1.95 7.24 -0.54
C LEU A 180 -1.87 6.39 0.72
N PRO A 181 -0.77 6.56 1.47
CA PRO A 181 -0.64 5.94 2.79
C PRO A 181 -1.35 6.84 3.81
N ALA A 182 -1.15 6.55 5.10
CA ALA A 182 -1.69 7.39 6.16
C ALA A 182 -0.84 7.19 7.42
N GLY A 183 -1.47 7.10 8.58
CA GLY A 183 -0.71 6.98 9.82
C GLY A 183 -0.54 5.54 10.24
N ALA A 184 0.14 5.32 11.37
CA ALA A 184 0.27 3.98 11.93
C ALA A 184 -1.10 3.36 12.15
N ASP A 185 -1.22 2.07 11.86
CA ASP A 185 -2.45 1.30 12.08
C ASP A 185 -3.58 1.71 11.14
N PHE A 186 -3.25 2.50 10.11
CA PHE A 186 -4.17 2.69 8.99
C PHE A 186 -3.94 1.60 7.95
N LEU A 187 -5.02 1.24 7.25
CA LEU A 187 -4.94 0.37 6.09
C LEU A 187 -5.74 1.04 4.98
N MET A 188 -5.08 1.44 3.91
CA MET A 188 -5.74 2.16 2.83
C MET A 188 -5.91 1.20 1.66
N CYS A 189 -7.16 0.94 1.31
CA CYS A 189 -7.51 -0.07 0.30
C CYS A 189 -8.05 0.59 -0.97
N TYR A 190 -7.41 0.32 -2.11
CA TYR A 190 -7.77 1.00 -3.35
C TYR A 190 -8.24 0.03 -4.41
N SER A 191 -9.31 0.42 -5.11
CA SER A 191 -9.92 -0.40 -6.15
C SER A 191 -8.97 -0.65 -7.32
N VAL A 192 -8.03 0.26 -7.52
CA VAL A 192 -7.19 0.20 -8.72
C VAL A 192 -5.91 1.01 -8.54
N ALA A 193 -4.82 0.53 -9.12
CA ALA A 193 -3.52 1.22 -9.08
C ALA A 193 -3.25 2.04 -10.36
N GLU A 194 -2.30 2.98 -10.26
CA GLU A 194 -1.90 3.80 -11.41
C GLU A 194 -1.63 2.96 -12.65
N GLY A 195 -2.17 3.40 -13.79
CA GLY A 195 -1.94 2.73 -15.07
C GLY A 195 -2.94 1.65 -15.42
N TYR A 196 -3.87 1.38 -14.51
CA TYR A 196 -4.91 0.38 -14.74
C TYR A 196 -6.30 1.03 -14.74
N TYR A 197 -7.33 0.22 -14.77
CA TYR A 197 -8.69 0.72 -14.97
C TYR A 197 -9.68 0.09 -14.02
N SER A 198 -10.57 0.90 -13.44
CA SER A 198 -11.61 0.41 -12.56
C SER A 198 -12.86 0.08 -13.35
N HIS A 199 -13.53 -1.02 -13.00
CA HIS A 199 -14.72 -1.47 -13.74
C HIS A 199 -15.94 -1.46 -12.82
N ARG A 200 -17.06 -1.02 -13.36
CA ARG A 200 -18.31 -1.07 -12.61
C ARG A 200 -19.44 -1.51 -13.54
N GLU A 201 -20.11 -2.60 -13.15
CA GLU A 201 -21.30 -3.06 -13.86
C GLU A 201 -22.50 -2.30 -13.34
N THR A 202 -23.33 -1.79 -14.26
CA THR A 202 -24.40 -0.88 -13.88
C THR A 202 -25.50 -1.54 -13.05
N VAL A 203 -25.64 -2.86 -13.15
CA VAL A 203 -26.55 -3.58 -12.26
C VAL A 203 -25.80 -4.27 -11.10
N ASN A 204 -24.74 -5.00 -11.43
CA ASN A 204 -24.06 -5.83 -10.44
C ASN A 204 -23.10 -5.08 -9.52
N GLY A 205 -22.69 -3.88 -9.92
CA GLY A 205 -21.75 -3.11 -9.10
C GLY A 205 -20.30 -3.20 -9.54
N SER A 206 -19.41 -2.63 -8.74
CA SER A 206 -17.99 -2.56 -9.07
C SER A 206 -17.30 -3.93 -8.97
N TRP A 207 -16.37 -4.21 -9.88
CA TRP A 207 -15.59 -5.45 -9.82
C TRP A 207 -14.95 -5.60 -8.45
N TYR A 208 -14.31 -4.52 -8.00
CA TYR A 208 -13.56 -4.52 -6.75
C TYR A 208 -14.47 -4.79 -5.56
N ILE A 209 -15.59 -4.05 -5.50
CA ILE A 209 -16.50 -4.21 -4.37
C ILE A 209 -17.20 -5.57 -4.38
N GLN A 210 -17.58 -6.05 -5.57
CA GLN A 210 -18.17 -7.38 -5.70
C GLN A 210 -17.23 -8.45 -5.15
N ASP A 211 -15.99 -8.43 -5.60
CA ASP A 211 -15.02 -9.44 -5.19
C ASP A 211 -14.65 -9.27 -3.70
N LEU A 212 -14.53 -8.03 -3.24
CA LEU A 212 -14.30 -7.79 -1.81
C LEU A 212 -15.42 -8.41 -0.96
N CYS A 213 -16.67 -8.14 -1.35
CA CYS A 213 -17.80 -8.65 -0.58
C CYS A 213 -17.95 -10.16 -0.64
N GLU A 214 -17.61 -10.76 -1.78
CA GLU A 214 -17.68 -12.22 -1.87
C GLU A 214 -16.66 -12.86 -0.92
N MET A 215 -15.45 -12.32 -0.90
CA MET A 215 -14.40 -12.82 -0.03
C MET A 215 -14.73 -12.57 1.44
N LEU A 216 -15.31 -11.41 1.75
CA LEU A 216 -15.75 -11.15 3.12
C LEU A 216 -16.73 -12.21 3.58
N GLY A 217 -17.71 -12.52 2.74
CA GLY A 217 -18.72 -13.51 3.08
C GLY A 217 -18.15 -14.91 3.29
N LYS A 218 -17.26 -15.33 2.41
CA LYS A 218 -16.73 -16.69 2.46
C LYS A 218 -15.61 -16.84 3.49
N TYR A 219 -14.76 -15.82 3.63
CA TYR A 219 -13.55 -15.97 4.42
C TYR A 219 -13.34 -14.89 5.48
N GLY A 220 -14.19 -13.86 5.47
CA GLY A 220 -13.99 -12.69 6.31
C GLY A 220 -13.88 -12.94 7.80
N SER A 221 -14.57 -13.95 8.29
CA SER A 221 -14.65 -14.18 9.72
C SER A 221 -13.57 -15.16 10.19
N SER A 222 -12.64 -15.51 9.31
CA SER A 222 -11.50 -16.34 9.74
C SER A 222 -10.15 -15.83 9.19
N LEU A 223 -10.13 -15.37 7.93
CA LEU A 223 -8.87 -14.98 7.29
C LEU A 223 -8.30 -13.67 7.83
N GLU A 224 -6.96 -13.59 7.92
CA GLU A 224 -6.32 -12.33 8.24
C GLU A 224 -6.71 -11.35 7.15
N PHE A 225 -7.01 -10.11 7.51
CA PHE A 225 -7.66 -9.21 6.56
C PHE A 225 -6.78 -8.81 5.37
N THR A 226 -5.47 -8.65 5.56
CA THR A 226 -4.64 -8.34 4.38
C THR A 226 -4.46 -9.56 3.49
N GLU A 227 -4.52 -10.75 4.08
CA GLU A 227 -4.56 -11.98 3.28
C GLU A 227 -5.83 -12.01 2.44
N LEU A 228 -6.94 -11.59 3.04
CA LEU A 228 -8.21 -11.50 2.32
C LEU A 228 -8.12 -10.47 1.18
N LEU A 229 -7.52 -9.32 1.45
CA LEU A 229 -7.33 -8.31 0.41
C LEU A 229 -6.48 -8.83 -0.73
N THR A 230 -5.54 -9.71 -0.40
CA THR A 230 -4.67 -10.31 -1.41
C THR A 230 -5.50 -11.23 -2.32
N LEU A 231 -6.45 -11.96 -1.73
CA LEU A 231 -7.41 -12.73 -2.50
C LEU A 231 -8.21 -11.84 -3.45
N VAL A 232 -8.61 -10.67 -2.99
CA VAL A 232 -9.34 -9.73 -3.83
C VAL A 232 -8.46 -9.26 -4.99
N ASN A 233 -7.19 -8.96 -4.70
CA ASN A 233 -6.22 -8.65 -5.74
C ASN A 233 -6.23 -9.72 -6.85
N ARG A 234 -6.16 -10.98 -6.45
CA ARG A 234 -6.12 -12.08 -7.42
C ARG A 234 -7.43 -12.15 -8.22
N LYS A 235 -8.56 -12.13 -7.51
CA LYS A 235 -9.87 -12.24 -8.14
C LYS A 235 -10.07 -11.15 -9.19
N VAL A 236 -9.83 -9.90 -8.79
CA VAL A 236 -10.07 -8.77 -9.66
C VAL A 236 -9.11 -8.74 -10.84
N SER A 237 -7.83 -8.96 -10.58
CA SER A 237 -6.84 -8.87 -11.65
C SER A 237 -7.01 -9.99 -12.69
N GLN A 238 -7.73 -11.05 -12.32
CA GLN A 238 -7.98 -12.14 -13.25
C GLN A 238 -9.28 -11.97 -14.06
N ARG A 239 -10.10 -10.98 -13.70
CA ARG A 239 -11.34 -10.71 -14.44
C ARG A 239 -11.15 -10.16 -15.85
N ARG A 240 -11.88 -10.75 -16.79
CA ARG A 240 -11.89 -10.35 -18.21
C ARG A 240 -13.26 -9.75 -18.57
N VAL A 241 -13.30 -8.82 -19.53
CA VAL A 241 -14.60 -8.32 -20.00
C VAL A 241 -14.97 -9.12 -21.24
N ASP A 242 -16.27 -9.31 -21.44
CA ASP A 242 -16.74 -10.04 -22.61
C ASP A 242 -16.40 -9.24 -23.86
N PHE A 243 -15.53 -9.82 -24.70
CA PHE A 243 -15.04 -9.13 -25.88
C PHE A 243 -16.13 -8.63 -26.83
N CYS A 244 -17.21 -9.38 -26.94
CA CYS A 244 -18.28 -8.98 -27.86
C CYS A 244 -19.08 -7.81 -27.32
N LYS A 245 -19.23 -7.75 -26.00
CA LYS A 245 -19.98 -6.66 -25.35
C LYS A 245 -19.28 -5.30 -25.46
N ASP A 246 -17.98 -5.26 -25.20
CA ASP A 246 -17.23 -4.03 -25.40
C ASP A 246 -15.77 -4.25 -25.75
N PRO A 247 -15.46 -4.20 -27.06
CA PRO A 247 -14.10 -4.37 -27.59
C PRO A 247 -13.14 -3.28 -27.10
N SER A 248 -13.68 -2.09 -26.83
CA SER A 248 -12.90 -0.97 -26.34
C SER A 248 -12.28 -1.28 -24.98
N ALA A 249 -12.89 -2.24 -24.28
CA ALA A 249 -12.46 -2.56 -22.92
C ALA A 249 -11.33 -3.59 -22.91
N ILE A 250 -10.91 -4.02 -24.09
CA ILE A 250 -9.79 -4.95 -24.22
C ILE A 250 -8.53 -4.32 -23.68
N GLY A 251 -7.78 -5.06 -22.88
CA GLY A 251 -6.50 -4.57 -22.42
C GLY A 251 -6.62 -3.57 -21.29
N LYS A 252 -7.85 -3.34 -20.82
CA LYS A 252 -8.05 -2.44 -19.70
C LYS A 252 -8.16 -3.27 -18.42
N LYS A 253 -7.02 -3.77 -17.97
CA LYS A 253 -6.93 -4.64 -16.80
C LYS A 253 -7.12 -3.84 -15.50
N GLN A 254 -7.66 -4.48 -14.47
CA GLN A 254 -7.80 -3.84 -13.16
C GLN A 254 -6.89 -4.53 -12.15
N VAL A 255 -6.02 -3.74 -11.53
CA VAL A 255 -5.14 -4.25 -10.49
C VAL A 255 -5.35 -3.42 -9.25
N PRO A 256 -6.02 -3.99 -8.24
CA PRO A 256 -6.22 -3.24 -6.99
C PRO A 256 -4.92 -3.22 -6.22
N CYS A 257 -4.91 -2.48 -5.13
CA CYS A 257 -3.80 -2.57 -4.20
C CYS A 257 -4.21 -2.08 -2.84
N PHE A 258 -3.41 -2.41 -1.83
CA PHE A 258 -3.64 -1.83 -0.53
C PHE A 258 -2.30 -1.35 0.02
N ALA A 259 -2.34 -0.22 0.73
CA ALA A 259 -1.17 0.31 1.38
C ALA A 259 -1.33 0.08 2.86
N SER A 260 -0.50 -0.77 3.44
CA SER A 260 -0.66 -1.10 4.85
C SER A 260 0.33 -0.38 5.74
N MET A 261 -0.21 0.34 6.72
CA MET A 261 0.59 0.85 7.83
C MET A 261 0.23 0.08 9.10
N LEU A 262 -0.38 -1.09 8.94
CA LEU A 262 -0.76 -1.91 10.10
C LEU A 262 0.48 -2.41 10.80
N THR A 263 0.35 -2.70 12.10
CA THR A 263 1.48 -3.15 12.91
C THR A 263 1.23 -4.53 13.50
N LYS A 264 0.04 -5.07 13.29
CA LYS A 264 -0.33 -6.38 13.84
C LYS A 264 -1.25 -7.12 12.88
N LYS A 265 -1.47 -8.41 13.15
CA LYS A 265 -2.40 -9.20 12.35
C LYS A 265 -3.82 -8.83 12.69
N LEU A 266 -4.67 -8.73 11.66
CA LEU A 266 -6.04 -8.29 11.83
C LEU A 266 -7.02 -9.40 11.46
N HIS A 267 -7.78 -9.85 12.45
CA HIS A 267 -8.83 -10.85 12.21
C HIS A 267 -10.19 -10.33 12.62
N PHE A 268 -11.24 -10.84 11.99
CA PHE A 268 -12.61 -10.53 12.41
C PHE A 268 -13.34 -11.78 12.84
N PHE A 269 -12.76 -12.51 13.80
CA PHE A 269 -13.44 -13.70 14.34
C PHE A 269 -14.77 -13.28 14.93
N PRO A 270 -15.77 -14.19 14.89
CA PRO A 270 -17.05 -13.88 15.53
C PRO A 270 -16.84 -13.48 16.98
N LYS A 271 -17.44 -12.36 17.40
CA LYS A 271 -17.28 -11.89 18.77
C LYS A 271 -18.14 -12.74 19.71
N SER A 272 -17.60 -13.06 20.89
CA SER A 272 -18.30 -13.90 21.85
C SER A 272 -19.60 -13.25 22.33
N MET B 10 -10.06 -25.33 -8.19
CA MET B 10 -10.97 -24.25 -7.87
C MET B 10 -10.22 -23.10 -7.19
N PHE B 11 -10.95 -22.12 -6.67
CA PHE B 11 -10.34 -20.99 -5.98
C PHE B 11 -9.78 -21.39 -4.61
N ASP B 12 -8.49 -21.14 -4.41
CA ASP B 12 -7.80 -21.54 -3.19
C ASP B 12 -7.48 -20.31 -2.32
N PRO B 13 -8.13 -20.20 -1.15
CA PRO B 13 -7.99 -19.07 -0.21
C PRO B 13 -6.60 -18.93 0.38
N ALA B 14 -5.80 -19.99 0.32
CA ALA B 14 -4.47 -19.96 0.91
C ALA B 14 -3.38 -20.22 -0.12
N GLU B 15 -3.68 -19.96 -1.40
CA GLU B 15 -2.74 -20.25 -2.48
C GLU B 15 -1.45 -19.46 -2.30
N LYS B 16 -0.34 -20.12 -2.61
CA LYS B 16 0.98 -19.51 -2.46
C LYS B 16 1.68 -19.41 -3.81
N TYR B 17 2.50 -18.38 -3.99
CA TYR B 17 3.40 -18.32 -5.13
C TYR B 17 4.25 -19.59 -5.16
N LYS B 18 4.38 -20.19 -6.33
CA LYS B 18 5.24 -21.35 -6.46
C LYS B 18 6.70 -20.91 -6.34
N MET B 19 7.37 -21.39 -5.30
CA MET B 19 8.73 -20.97 -5.01
C MET B 19 9.65 -22.19 -5.07
N ASP B 20 9.42 -23.04 -6.08
CA ASP B 20 10.14 -24.29 -6.21
C ASP B 20 11.08 -24.32 -7.41
N HIS B 21 11.49 -23.15 -7.89
CA HIS B 21 12.37 -23.08 -9.04
C HIS B 21 13.81 -23.41 -8.66
N ARG B 22 14.67 -23.59 -9.67
CA ARG B 22 16.07 -23.91 -9.44
C ARG B 22 16.76 -22.86 -8.59
N ARG B 23 16.43 -21.59 -8.87
CA ARG B 23 17.05 -20.47 -8.16
C ARG B 23 15.99 -19.59 -7.49
N ARG B 24 16.35 -18.96 -6.38
CA ARG B 24 15.47 -17.98 -5.76
C ARG B 24 15.28 -16.80 -6.70
N GLY B 25 16.38 -16.33 -7.27
CA GLY B 25 16.36 -15.18 -8.16
C GLY B 25 17.37 -14.11 -7.76
N ILE B 26 17.37 -13.02 -8.50
CA ILE B 26 18.31 -11.93 -8.29
C ILE B 26 17.77 -10.91 -7.30
N ALA B 27 18.64 -10.44 -6.42
CA ALA B 27 18.35 -9.28 -5.58
C ALA B 27 19.34 -8.16 -5.92
N LEU B 28 18.82 -7.08 -6.51
CA LEU B 28 19.62 -5.94 -6.91
C LEU B 28 19.66 -4.89 -5.79
N ILE B 29 20.84 -4.38 -5.47
CA ILE B 29 20.90 -3.28 -4.51
C ILE B 29 21.66 -2.08 -5.09
N PHE B 30 20.96 -0.96 -5.23
CA PHE B 30 21.57 0.27 -5.69
C PHE B 30 21.81 1.20 -4.50
N ASN B 31 23.08 1.36 -4.15
CA ASN B 31 23.52 2.04 -2.95
C ASN B 31 24.17 3.39 -3.26
N HIS B 32 23.59 4.47 -2.73
CA HIS B 32 24.10 5.80 -3.03
C HIS B 32 24.49 6.56 -1.77
N GLU B 33 25.78 6.86 -1.64
CA GLU B 33 26.31 7.51 -0.45
C GLU B 33 26.66 8.98 -0.68
N ARG B 34 27.04 9.31 -1.92
CA ARG B 34 27.47 10.65 -2.28
C ARG B 34 26.83 11.05 -3.59
N PHE B 35 26.74 12.35 -3.86
CA PHE B 35 26.09 12.83 -5.05
C PHE B 35 26.90 13.93 -5.73
N PHE B 36 26.76 14.05 -7.04
CA PHE B 36 27.45 15.08 -7.81
C PHE B 36 27.20 16.46 -7.20
N TRP B 37 28.23 17.29 -7.11
CA TRP B 37 28.13 18.54 -6.33
C TRP B 37 26.99 19.43 -6.80
N HIS B 38 26.70 19.42 -8.10
CA HIS B 38 25.66 20.27 -8.67
C HIS B 38 24.26 19.94 -8.15
N LEU B 39 24.06 18.74 -7.60
CA LEU B 39 22.76 18.37 -7.02
C LEU B 39 22.57 18.91 -5.62
N THR B 40 23.66 19.33 -4.98
CA THR B 40 23.68 19.82 -3.60
C THR B 40 22.87 18.94 -2.65
N LEU B 41 23.22 17.66 -2.60
CA LEU B 41 22.57 16.69 -1.72
C LEU B 41 23.59 16.21 -0.70
N PRO B 42 23.17 16.03 0.56
CA PRO B 42 24.09 15.59 1.61
C PRO B 42 24.50 14.13 1.46
N GLU B 43 25.69 13.78 1.95
CA GLU B 43 26.13 12.39 1.96
C GLU B 43 25.23 11.55 2.85
N ARG B 44 25.25 10.25 2.62
CA ARG B 44 24.38 9.34 3.37
C ARG B 44 25.22 8.35 4.19
N ARG B 45 25.96 8.88 5.16
CA ARG B 45 26.76 8.03 6.05
C ARG B 45 25.87 7.01 6.75
N GLY B 46 26.32 5.77 6.77
CA GLY B 46 25.54 4.69 7.33
C GLY B 46 24.91 3.79 6.27
N THR B 47 24.87 4.26 5.03
CA THR B 47 24.21 3.49 3.98
C THR B 47 24.99 2.20 3.65
N CYS B 48 26.30 2.21 3.84
CA CYS B 48 27.11 1.03 3.56
C CYS B 48 26.81 -0.09 4.57
N ALA B 49 26.46 0.29 5.80
CA ALA B 49 25.99 -0.68 6.79
C ALA B 49 24.69 -1.32 6.31
N ASP B 50 23.79 -0.50 5.77
CA ASP B 50 22.54 -0.98 5.19
C ASP B 50 22.78 -1.98 4.07
N ARG B 51 23.67 -1.61 3.14
CA ARG B 51 24.01 -2.47 2.01
C ARG B 51 24.52 -3.83 2.47
N ASP B 52 25.45 -3.84 3.42
CA ASP B 52 26.02 -5.09 3.91
C ASP B 52 24.98 -5.94 4.61
N ASN B 53 24.15 -5.30 5.42
CA ASN B 53 23.10 -5.97 6.18
C ASN B 53 22.12 -6.66 5.24
N LEU B 54 21.66 -5.93 4.23
CA LEU B 54 20.73 -6.45 3.24
C LEU B 54 21.35 -7.60 2.46
N THR B 55 22.62 -7.45 2.11
CA THR B 55 23.32 -8.46 1.35
C THR B 55 23.33 -9.79 2.10
N ARG B 56 23.67 -9.80 3.40
CA ARG B 56 23.66 -11.07 4.16
C ARG B 56 22.27 -11.69 4.23
N ARG B 57 21.26 -10.85 4.50
CA ARG B 57 19.91 -11.37 4.72
C ARG B 57 19.33 -12.01 3.48
N PHE B 58 19.46 -11.30 2.35
CA PHE B 58 18.90 -11.81 1.13
C PHE B 58 19.71 -12.99 0.59
N SER B 59 21.03 -12.97 0.77
CA SER B 59 21.82 -14.10 0.29
C SER B 59 21.49 -15.34 1.12
N ASP B 60 21.26 -15.16 2.42
CA ASP B 60 20.86 -16.27 3.28
C ASP B 60 19.49 -16.83 2.91
N LEU B 61 18.68 -16.01 2.25
CA LEU B 61 17.38 -16.42 1.78
C LEU B 61 17.45 -17.07 0.39
N GLY B 62 18.66 -17.14 -0.17
CA GLY B 62 18.86 -17.86 -1.42
C GLY B 62 19.03 -16.96 -2.63
N PHE B 63 18.95 -15.65 -2.43
CA PHE B 63 19.08 -14.72 -3.54
C PHE B 63 20.51 -14.60 -4.03
N GLU B 64 20.65 -14.36 -5.34
CA GLU B 64 21.92 -13.95 -5.92
C GLU B 64 22.00 -12.42 -5.83
N VAL B 65 22.76 -11.91 -4.87
CA VAL B 65 22.77 -10.47 -4.61
C VAL B 65 23.84 -9.74 -5.42
N LYS B 66 23.43 -8.72 -6.14
CA LYS B 66 24.35 -7.86 -6.89
C LYS B 66 24.24 -6.43 -6.39
N CYS B 67 25.34 -5.88 -5.88
CA CYS B 67 25.33 -4.50 -5.37
C CYS B 67 26.03 -3.54 -6.33
N PHE B 68 25.50 -2.33 -6.41
CA PHE B 68 26.11 -1.30 -7.23
C PHE B 68 26.17 0.02 -6.47
N ASN B 69 27.37 0.56 -6.35
CA ASN B 69 27.59 1.77 -5.57
C ASN B 69 27.73 3.03 -6.42
N ASP B 70 26.88 4.01 -6.15
CA ASP B 70 26.96 5.35 -6.73
C ASP B 70 26.98 5.39 -8.26
N LEU B 71 26.16 4.57 -8.89
CA LEU B 71 26.04 4.61 -10.35
C LEU B 71 25.45 5.93 -10.84
N LYS B 72 25.94 6.44 -11.97
CA LYS B 72 25.25 7.53 -12.67
C LYS B 72 23.92 6.99 -13.19
N ALA B 73 22.99 7.88 -13.51
CA ALA B 73 21.65 7.46 -13.94
C ALA B 73 21.71 6.56 -15.17
N GLU B 74 22.53 6.93 -16.15
CA GLU B 74 22.64 6.15 -17.38
C GLU B 74 23.17 4.75 -17.08
N GLU B 75 24.17 4.66 -16.20
CA GLU B 75 24.73 3.38 -15.80
C GLU B 75 23.69 2.53 -15.06
N LEU B 76 22.93 3.17 -14.16
CA LEU B 76 21.90 2.49 -13.41
C LEU B 76 20.82 1.92 -14.34
N LEU B 77 20.30 2.77 -15.21
CA LEU B 77 19.29 2.36 -16.18
C LEU B 77 19.76 1.19 -17.03
N LEU B 78 20.99 1.29 -17.51
CA LEU B 78 21.60 0.23 -18.31
C LEU B 78 21.61 -1.09 -17.55
N LYS B 79 22.03 -1.04 -16.28
CA LYS B 79 22.16 -2.26 -15.48
C LYS B 79 20.80 -2.89 -15.20
N ILE B 80 19.82 -2.06 -14.86
CA ILE B 80 18.52 -2.63 -14.53
C ILE B 80 17.81 -3.10 -15.80
N HIS B 81 18.04 -2.43 -16.93
CA HIS B 81 17.47 -2.89 -18.19
C HIS B 81 18.08 -4.23 -18.60
N GLU B 82 19.40 -4.36 -18.41
CA GLU B 82 20.12 -5.60 -18.63
C GLU B 82 19.50 -6.76 -17.85
N VAL B 83 19.21 -6.51 -16.57
CA VAL B 83 18.64 -7.54 -15.72
C VAL B 83 17.20 -7.86 -16.12
N SER B 84 16.46 -6.84 -16.56
CA SER B 84 15.06 -7.06 -16.96
C SER B 84 14.95 -7.87 -18.25
N THR B 85 16.04 -7.92 -19.03
CA THR B 85 16.01 -8.58 -20.33
C THR B 85 16.62 -9.98 -20.33
N VAL B 86 17.25 -10.39 -19.22
CA VAL B 86 17.74 -11.77 -19.15
C VAL B 86 16.57 -12.67 -18.72
N SER B 87 16.75 -13.98 -18.84
CA SER B 87 15.68 -14.89 -18.49
C SER B 87 15.58 -15.15 -16.99
N HIS B 88 14.39 -14.95 -16.43
CA HIS B 88 14.15 -15.31 -15.04
C HIS B 88 13.32 -16.59 -14.98
N ALA B 89 13.35 -17.37 -16.06
CA ALA B 89 12.52 -18.57 -16.17
C ALA B 89 12.78 -19.56 -15.04
N ASP B 90 14.04 -19.64 -14.62
CA ASP B 90 14.44 -20.56 -13.56
C ASP B 90 14.41 -19.95 -12.17
N ALA B 91 13.79 -18.78 -12.02
CA ALA B 91 13.82 -18.06 -10.76
C ALA B 91 12.45 -17.99 -10.09
N ASP B 92 12.44 -17.95 -8.76
CA ASP B 92 11.20 -17.79 -8.00
C ASP B 92 10.65 -16.39 -8.09
N CYS B 93 11.54 -15.40 -8.06
CA CYS B 93 11.13 -14.02 -7.89
C CYS B 93 12.25 -13.05 -8.17
N PHE B 94 11.97 -11.76 -7.97
CA PHE B 94 12.93 -10.69 -8.21
C PHE B 94 12.83 -9.64 -7.12
N VAL B 95 13.99 -9.20 -6.63
CA VAL B 95 14.06 -8.17 -5.60
C VAL B 95 14.95 -7.02 -6.06
N CYS B 96 14.51 -5.79 -5.84
CA CYS B 96 15.30 -4.62 -6.19
C CYS B 96 15.29 -3.62 -5.05
N VAL B 97 16.47 -3.23 -4.56
CA VAL B 97 16.55 -2.32 -3.43
C VAL B 97 17.22 -1.00 -3.82
N PHE B 98 16.61 0.12 -3.42
CA PHE B 98 17.20 1.44 -3.62
C PHE B 98 17.52 2.12 -2.30
N LEU B 99 18.78 2.50 -2.13
CA LEU B 99 19.22 3.23 -0.95
C LEU B 99 19.75 4.59 -1.38
N SER B 100 18.95 5.64 -1.23
CA SER B 100 19.34 6.94 -1.75
C SER B 100 18.50 8.07 -1.16
N HIS B 101 18.58 9.25 -1.77
CA HIS B 101 17.62 10.31 -1.52
C HIS B 101 16.58 10.23 -2.62
N GLY B 102 15.45 10.90 -2.42
CA GLY B 102 14.40 10.89 -3.42
C GLY B 102 13.48 12.09 -3.28
N GLU B 103 12.60 12.25 -4.26
CA GLU B 103 11.65 13.36 -4.27
C GLU B 103 10.49 12.97 -5.18
N GLY B 104 9.28 12.96 -4.66
CA GLY B 104 8.11 12.63 -5.46
C GLY B 104 8.18 11.24 -6.06
N ASN B 105 8.07 11.14 -7.38
CA ASN B 105 8.15 9.88 -8.11
CA ASN B 105 8.16 9.80 -7.97
C ASN B 105 9.58 9.46 -8.42
N HIS B 106 10.55 10.25 -7.93
CA HIS B 106 11.96 10.07 -8.28
C HIS B 106 12.87 9.60 -7.16
N ILE B 107 13.85 8.80 -7.54
CA ILE B 107 14.99 8.45 -6.71
C ILE B 107 16.26 9.01 -7.37
N TYR B 108 17.21 9.48 -6.57
CA TYR B 108 18.45 10.01 -7.15
C TYR B 108 19.50 8.93 -7.42
N ALA B 109 20.06 8.96 -8.62
CA ALA B 109 21.32 8.29 -8.87
C ALA B 109 22.41 9.28 -8.50
N TYR B 110 23.65 9.02 -8.92
CA TYR B 110 24.75 9.90 -8.56
C TYR B 110 24.57 11.32 -9.11
N ASP B 111 24.07 11.41 -10.35
CA ASP B 111 24.11 12.66 -11.09
C ASP B 111 22.74 13.20 -11.53
N ALA B 112 21.69 12.40 -11.36
CA ALA B 112 20.37 12.80 -11.84
C ALA B 112 19.29 11.91 -11.22
N LYS B 113 18.04 12.32 -11.33
CA LYS B 113 16.99 11.46 -10.81
C LYS B 113 16.41 10.54 -11.86
N ILE B 114 15.83 9.45 -11.37
CA ILE B 114 15.20 8.44 -12.18
C ILE B 114 13.79 8.23 -11.65
N GLU B 115 12.81 8.08 -12.54
CA GLU B 115 11.44 7.80 -12.12
C GLU B 115 11.23 6.37 -11.69
N ILE B 116 10.59 6.22 -10.53
CA ILE B 116 10.25 4.90 -10.03
C ILE B 116 9.41 4.11 -11.05
N GLN B 117 8.47 4.78 -11.72
CA GLN B 117 7.62 4.07 -12.69
C GLN B 117 8.43 3.54 -13.88
N THR B 118 9.51 4.24 -14.23
CA THR B 118 10.38 3.74 -15.29
C THR B 118 11.05 2.44 -14.86
N LEU B 119 11.50 2.42 -13.60
CA LEU B 119 12.19 1.26 -13.04
C LEU B 119 11.28 0.05 -12.95
N THR B 120 10.08 0.25 -12.37
CA THR B 120 9.14 -0.86 -12.20
C THR B 120 8.56 -1.30 -13.55
N GLY B 121 8.40 -0.35 -14.47
CA GLY B 121 7.82 -0.66 -15.77
C GLY B 121 8.63 -1.69 -16.55
N LEU B 122 9.93 -1.76 -16.27
CA LEU B 122 10.81 -2.70 -16.97
C LEU B 122 10.51 -4.16 -16.62
N PHE B 123 9.78 -4.36 -15.52
CA PHE B 123 9.53 -5.72 -15.05
C PHE B 123 8.06 -6.11 -15.16
N LYS B 124 7.29 -5.30 -15.87
CA LYS B 124 5.89 -5.61 -16.08
C LYS B 124 5.81 -6.72 -17.13
N GLY B 125 4.76 -7.53 -17.01
CA GLY B 125 4.46 -8.63 -17.93
C GLY B 125 4.97 -8.60 -19.35
N ASP B 126 4.62 -7.56 -20.10
CA ASP B 126 4.96 -7.54 -21.51
C ASP B 126 6.38 -7.07 -21.77
N LYS B 127 7.05 -6.56 -20.74
CA LYS B 127 8.46 -6.22 -20.82
C LYS B 127 9.38 -7.34 -20.32
N CYS B 128 8.87 -8.15 -19.40
CA CYS B 128 9.64 -9.22 -18.80
C CYS B 128 8.82 -10.49 -18.62
N HIS B 129 8.66 -11.23 -19.71
CA HIS B 129 7.77 -12.40 -19.73
C HIS B 129 8.08 -13.43 -18.65
N SER B 130 9.37 -13.66 -18.39
CA SER B 130 9.77 -14.75 -17.50
C SER B 130 9.52 -14.43 -16.03
N LEU B 131 9.05 -13.23 -15.74
CA LEU B 131 8.65 -12.88 -14.38
C LEU B 131 7.14 -12.76 -14.22
N VAL B 132 6.39 -13.02 -15.29
CA VAL B 132 4.94 -12.92 -15.22
C VAL B 132 4.40 -13.88 -14.15
N GLY B 133 3.56 -13.36 -13.26
CA GLY B 133 2.96 -14.17 -12.23
C GLY B 133 3.88 -14.45 -11.06
N LYS B 134 5.07 -13.84 -11.07
CA LYS B 134 6.04 -14.03 -9.99
C LYS B 134 6.22 -12.74 -9.19
N PRO B 135 6.53 -12.88 -7.88
CA PRO B 135 6.69 -11.70 -7.03
C PRO B 135 7.82 -10.81 -7.53
N LYS B 136 7.53 -9.51 -7.61
CA LYS B 136 8.52 -8.52 -7.98
C LYS B 136 8.54 -7.48 -6.88
N ILE B 137 9.60 -7.52 -6.08
CA ILE B 137 9.64 -6.78 -4.82
C ILE B 137 10.63 -5.63 -4.85
N PHE B 138 10.11 -4.42 -4.67
CA PHE B 138 10.96 -3.24 -4.59
C PHE B 138 10.99 -2.69 -3.16
N ILE B 139 12.20 -2.46 -2.66
CA ILE B 139 12.39 -1.91 -1.32
C ILE B 139 13.10 -0.56 -1.46
N ILE B 140 12.45 0.49 -0.97
CA ILE B 140 12.90 1.84 -1.22
C ILE B 140 13.19 2.59 0.09
N GLN B 141 14.48 2.83 0.32
CA GLN B 141 14.92 3.67 1.44
C GLN B 141 15.40 4.98 0.83
N ALA B 142 14.50 5.95 0.79
CA ALA B 142 14.77 7.21 0.10
C ALA B 142 13.86 8.32 0.61
N ALA B 143 14.47 9.43 1.01
CA ALA B 143 13.71 10.54 1.55
C ALA B 143 14.35 11.85 1.16
N ARG B 144 13.98 12.93 1.84
CA ARG B 144 14.47 14.23 1.41
C ARG B 144 15.81 14.56 2.03
N GLY B 145 16.82 14.68 1.17
CA GLY B 145 18.15 15.07 1.58
C GLY B 145 18.20 16.48 2.12
N ASN B 146 18.85 16.61 3.27
CA ASN B 146 19.05 17.90 3.92
C ASN B 146 20.01 18.83 3.21
N GLN B 147 19.49 19.91 2.65
CA GLN B 147 20.32 20.84 1.89
C GLN B 147 20.74 22.04 2.75
N THR B 167 30.43 8.82 17.63
CA THR B 167 30.49 8.44 16.23
C THR B 167 29.10 8.33 15.60
N ASN B 168 28.22 7.63 16.29
CA ASN B 168 26.90 7.30 15.75
C ASN B 168 25.91 8.46 15.92
N ILE B 169 25.64 9.15 14.82
CA ILE B 169 24.71 10.28 14.80
C ILE B 169 23.46 9.84 14.04
N THR B 170 22.29 10.28 14.48
CA THR B 170 21.05 9.95 13.77
C THR B 170 20.58 11.13 12.92
N GLU B 171 20.61 10.95 11.61
CA GLU B 171 20.11 11.93 10.66
C GLU B 171 18.62 11.71 10.38
N VAL B 172 17.88 12.81 10.30
CA VAL B 172 16.42 12.74 10.17
C VAL B 172 15.95 13.51 8.94
N ASP B 173 15.33 12.78 8.01
CA ASP B 173 14.92 13.34 6.72
C ASP B 173 13.40 13.25 6.58
N ALA B 174 12.77 14.31 6.10
CA ALA B 174 11.32 14.28 5.86
C ALA B 174 10.97 13.30 4.73
N ALA B 175 9.86 12.56 4.91
CA ALA B 175 9.33 11.73 3.82
C ALA B 175 9.09 12.59 2.57
N SER B 176 9.52 12.09 1.42
CA SER B 176 9.37 12.86 0.19
C SER B 176 8.97 12.00 -1.02
N VAL B 177 9.29 10.72 -0.95
CA VAL B 177 9.02 9.79 -2.04
C VAL B 177 7.64 9.18 -1.94
N TYR B 178 6.84 9.37 -2.98
CA TYR B 178 5.48 8.84 -3.04
C TYR B 178 5.46 7.34 -2.81
N THR B 179 4.50 6.86 -2.02
CA THR B 179 4.42 5.42 -1.77
C THR B 179 3.67 4.78 -2.93
N LEU B 180 4.36 4.69 -4.06
CA LEU B 180 3.75 4.29 -5.33
C LEU B 180 3.43 2.81 -5.42
N PRO B 181 2.33 2.46 -6.11
CA PRO B 181 2.01 1.09 -6.44
C PRO B 181 2.73 0.70 -7.73
N ALA B 182 2.39 -0.46 -8.29
CA ALA B 182 2.97 -0.89 -9.56
C ALA B 182 2.01 -1.87 -10.23
N GLY B 183 2.53 -2.93 -10.84
CA GLY B 183 1.67 -3.86 -11.55
C GLY B 183 1.27 -5.04 -10.69
N ALA B 184 0.52 -5.99 -11.27
CA ALA B 184 0.16 -7.22 -10.55
C ALA B 184 1.41 -7.96 -10.10
N ASP B 185 1.37 -8.52 -8.91
CA ASP B 185 2.45 -9.30 -8.33
C ASP B 185 3.68 -8.45 -7.97
N PHE B 186 3.53 -7.13 -8.01
CA PHE B 186 4.54 -6.25 -7.40
C PHE B 186 4.24 -6.03 -5.91
N LEU B 187 5.30 -5.84 -5.14
CA LEU B 187 5.21 -5.43 -3.75
C LEU B 187 6.19 -4.29 -3.56
N MET B 188 5.66 -3.11 -3.24
CA MET B 188 6.47 -1.89 -3.11
C MET B 188 6.59 -1.51 -1.64
N CYS B 189 7.80 -1.55 -1.11
CA CYS B 189 8.05 -1.39 0.32
C CYS B 189 8.77 -0.07 0.58
N TYR B 190 8.20 0.78 1.43
CA TYR B 190 8.76 2.12 1.65
C TYR B 190 9.18 2.34 3.09
N SER B 191 10.33 2.98 3.27
CA SER B 191 10.86 3.26 4.61
C SER B 191 9.99 4.20 5.43
N VAL B 192 9.20 5.03 4.75
CA VAL B 192 8.47 6.08 5.46
C VAL B 192 7.29 6.57 4.64
N ALA B 193 6.19 6.91 5.32
CA ALA B 193 4.99 7.44 4.69
C ALA B 193 4.92 8.96 4.79
N GLU B 194 4.07 9.57 3.95
CA GLU B 194 3.86 11.02 3.96
C GLU B 194 3.60 11.54 5.37
N GLY B 195 4.27 12.64 5.72
CA GLY B 195 4.05 13.30 7.00
C GLY B 195 4.94 12.80 8.12
N TYR B 196 5.76 11.79 7.85
CA TYR B 196 6.65 11.24 8.86
C TYR B 196 8.11 11.45 8.45
N TYR B 197 9.04 10.84 9.18
CA TYR B 197 10.46 11.14 8.98
C TYR B 197 11.30 9.88 8.95
N SER B 198 12.24 9.81 8.02
CA SER B 198 13.15 8.67 7.94
C SER B 198 14.43 8.92 8.73
N HIS B 199 14.89 7.90 9.45
CA HIS B 199 16.06 8.02 10.32
C HIS B 199 17.19 7.14 9.84
N ARG B 200 18.42 7.65 9.90
CA ARG B 200 19.58 6.86 9.57
C ARG B 200 20.72 7.14 10.54
N GLU B 201 21.19 6.09 11.20
CA GLU B 201 22.34 6.16 12.08
C GLU B 201 23.62 5.99 11.27
N THR B 202 24.60 6.86 11.48
CA THR B 202 25.80 6.87 10.65
C THR B 202 26.66 5.61 10.82
N VAL B 203 26.54 4.95 11.96
CA VAL B 203 27.23 3.67 12.17
C VAL B 203 26.31 2.47 11.95
N ASN B 204 25.14 2.50 12.57
CA ASN B 204 24.26 1.33 12.56
C ASN B 204 23.39 1.19 11.31
N GLY B 205 23.22 2.27 10.56
CA GLY B 205 22.39 2.25 9.36
C GLY B 205 20.99 2.80 9.59
N SER B 206 20.13 2.68 8.58
CA SER B 206 18.77 3.23 8.66
C SER B 206 17.89 2.44 9.60
N TRP B 207 17.00 3.13 10.32
CA TRP B 207 16.04 2.45 11.19
C TRP B 207 15.25 1.37 10.43
N TYR B 208 14.75 1.74 9.26
CA TYR B 208 13.92 0.85 8.45
C TYR B 208 14.69 -0.40 8.02
N ILE B 209 15.89 -0.21 7.47
CA ILE B 209 16.66 -1.33 6.98
C ILE B 209 17.15 -2.21 8.14
N GLN B 210 17.52 -1.58 9.26
CA GLN B 210 17.92 -2.35 10.44
C GLN B 210 16.82 -3.30 10.88
N ASP B 211 15.62 -2.76 11.04
CA ASP B 211 14.50 -3.54 11.52
C ASP B 211 14.04 -4.57 10.49
N LEU B 212 14.04 -4.20 9.21
CA LEU B 212 13.76 -5.16 8.14
C LEU B 212 14.75 -6.33 8.17
N CYS B 213 16.04 -6.02 8.27
CA CYS B 213 17.05 -7.09 8.27
C CYS B 213 16.98 -7.94 9.51
N GLU B 214 16.62 -7.34 10.65
CA GLU B 214 16.48 -8.12 11.86
C GLU B 214 15.37 -9.14 11.69
N MET B 215 14.24 -8.70 11.14
CA MET B 215 13.10 -9.59 10.92
C MET B 215 13.38 -10.65 9.86
N LEU B 216 14.10 -10.28 8.81
CA LEU B 216 14.50 -11.25 7.79
C LEU B 216 15.35 -12.36 8.40
N GLY B 217 16.33 -11.97 9.21
CA GLY B 217 17.22 -12.92 9.83
C GLY B 217 16.50 -13.90 10.73
N LYS B 218 15.53 -13.40 11.49
CA LYS B 218 14.82 -14.25 12.45
C LYS B 218 13.66 -15.04 11.85
N TYR B 219 12.93 -14.40 10.92
CA TYR B 219 11.65 -14.93 10.47
C TYR B 219 11.51 -15.04 8.95
N GLY B 220 12.50 -14.57 8.22
CA GLY B 220 12.42 -14.49 6.77
C GLY B 220 12.14 -15.82 6.09
N SER B 221 12.64 -16.90 6.67
CA SER B 221 12.55 -18.21 6.06
C SER B 221 11.34 -19.00 6.55
N SER B 222 10.46 -18.36 7.31
CA SER B 222 9.25 -19.05 7.77
C SER B 222 7.97 -18.23 7.61
N LEU B 223 8.03 -16.93 7.91
CA LEU B 223 6.86 -16.06 7.88
C LEU B 223 6.45 -15.65 6.46
N GLU B 224 5.15 -15.49 6.24
CA GLU B 224 4.67 -14.89 5.01
C GLU B 224 5.27 -13.49 4.94
N PHE B 225 5.71 -13.06 3.75
CA PHE B 225 6.54 -11.85 3.67
C PHE B 225 5.81 -10.55 4.04
N THR B 226 4.53 -10.42 3.71
CA THR B 226 3.81 -9.21 4.12
C THR B 226 3.51 -9.24 5.63
N GLU B 227 3.37 -10.44 6.18
CA GLU B 227 3.30 -10.57 7.64
C GLU B 227 4.57 -10.06 8.28
N LEU B 228 5.70 -10.41 7.68
CA LEU B 228 7.00 -9.95 8.14
C LEU B 228 7.14 -8.43 8.01
N LEU B 229 6.73 -7.87 6.87
CA LEU B 229 6.77 -6.42 6.66
C LEU B 229 5.90 -5.69 7.70
N THR B 230 4.83 -6.34 8.13
CA THR B 230 3.95 -5.78 9.14
C THR B 230 4.70 -5.70 10.48
N LEU B 231 5.50 -6.72 10.78
CA LEU B 231 6.39 -6.71 11.94
C LEU B 231 7.34 -5.52 11.88
N VAL B 232 7.86 -5.26 10.70
CA VAL B 232 8.75 -4.13 10.48
C VAL B 232 8.02 -2.81 10.72
N ASN B 233 6.79 -2.72 10.22
CA ASN B 233 5.95 -1.57 10.54
C ASN B 233 5.90 -1.34 12.04
N ARG B 234 5.65 -2.40 12.80
CA ARG B 234 5.54 -2.28 14.26
C ARG B 234 6.86 -1.84 14.89
N LYS B 235 7.93 -2.52 14.50
CA LYS B 235 9.26 -2.26 15.05
C LYS B 235 9.65 -0.79 14.88
N VAL B 236 9.55 -0.30 13.65
CA VAL B 236 9.98 1.05 13.33
C VAL B 236 9.09 2.11 13.97
N SER B 237 7.78 1.92 13.90
CA SER B 237 6.86 2.93 14.43
C SER B 237 6.92 3.00 15.95
N GLN B 238 7.43 1.95 16.59
CA GLN B 238 7.56 1.94 18.06
C GLN B 238 8.88 2.53 18.55
N ARG B 239 9.80 2.83 17.64
CA ARG B 239 11.05 3.44 18.06
C ARG B 239 10.73 4.82 18.62
N ARG B 240 11.27 5.14 19.79
CA ARG B 240 10.87 6.37 20.46
C ARG B 240 11.63 7.57 19.95
N VAL B 241 10.91 8.68 19.80
CA VAL B 241 11.51 9.95 19.44
C VAL B 241 11.27 10.98 20.54
N ASP B 242 11.10 10.48 21.77
CA ASP B 242 10.88 11.29 22.95
C ASP B 242 12.06 12.19 23.31
N PHE B 243 13.24 11.59 23.40
CA PHE B 243 14.41 12.34 23.84
C PHE B 243 15.60 12.00 22.96
N CYS B 244 15.68 12.67 21.82
CA CYS B 244 16.76 12.45 20.87
C CYS B 244 18.02 13.18 21.33
N LYS B 245 19.19 12.71 20.88
CA LYS B 245 20.45 13.34 21.22
C LYS B 245 20.44 14.75 20.62
N ASP B 246 19.91 14.83 19.41
CA ASP B 246 19.64 16.10 18.73
C ASP B 246 18.22 16.55 19.06
N PRO B 247 18.08 17.57 19.91
CA PRO B 247 16.76 18.04 20.33
C PRO B 247 15.85 18.47 19.17
N SER B 248 16.42 18.84 18.02
CA SER B 248 15.62 19.20 16.84
C SER B 248 14.81 18.02 16.29
N ALA B 249 15.24 16.81 16.61
CA ALA B 249 14.61 15.60 16.08
C ALA B 249 13.48 15.05 16.95
N ILE B 250 13.22 15.68 18.09
CA ILE B 250 12.18 15.19 18.99
C ILE B 250 10.80 15.24 18.35
N GLY B 251 10.05 14.16 18.49
CA GLY B 251 8.69 14.05 17.97
C GLY B 251 8.60 13.73 16.48
N LYS B 252 9.74 13.49 15.86
CA LYS B 252 9.77 13.18 14.44
C LYS B 252 9.71 11.67 14.22
N LYS B 253 8.51 11.14 14.34
CA LYS B 253 8.24 9.71 14.27
C LYS B 253 8.40 9.13 12.85
N GLN B 254 8.78 7.85 12.77
CA GLN B 254 8.86 7.15 11.50
C GLN B 254 7.79 6.07 11.39
N VAL B 255 7.00 6.11 10.32
CA VAL B 255 6.01 5.08 10.01
C VAL B 255 6.23 4.56 8.59
N PRO B 256 6.72 3.32 8.46
CA PRO B 256 6.92 2.73 7.13
C PRO B 256 5.58 2.35 6.53
N CYS B 257 5.60 1.88 5.30
CA CYS B 257 4.41 1.25 4.73
C CYS B 257 4.79 0.37 3.55
N PHE B 258 3.87 -0.50 3.15
CA PHE B 258 4.09 -1.22 1.91
C PHE B 258 2.79 -1.21 1.12
N ALA B 259 2.93 -1.12 -0.19
CA ALA B 259 1.78 -1.17 -1.08
C ALA B 259 1.81 -2.52 -1.79
N SER B 260 0.83 -3.37 -1.52
CA SER B 260 0.84 -4.70 -2.13
C SER B 260 -0.09 -4.83 -3.31
N MET B 261 0.47 -5.25 -4.43
CA MET B 261 -0.30 -5.70 -5.58
C MET B 261 -0.15 -7.23 -5.74
N LEU B 262 0.30 -7.90 -4.68
CA LEU B 262 0.46 -9.35 -4.72
C LEU B 262 -0.89 -10.04 -4.84
N THR B 263 -0.89 -11.24 -5.41
CA THR B 263 -2.10 -12.00 -5.63
C THR B 263 -2.10 -13.35 -4.91
N LYS B 264 -0.99 -13.67 -4.25
CA LYS B 264 -0.85 -14.94 -3.52
C LYS B 264 0.01 -14.74 -2.27
N LYS B 265 0.02 -15.75 -1.40
CA LYS B 265 0.89 -15.71 -0.23
C LYS B 265 2.33 -15.95 -0.65
N LEU B 266 3.24 -15.20 -0.05
CA LEU B 266 4.65 -15.26 -0.41
C LEU B 266 5.53 -15.75 0.76
N HIS B 267 6.17 -16.90 0.58
CA HIS B 267 7.12 -17.43 1.57
C HIS B 267 8.51 -17.62 0.97
N PHE B 268 9.53 -17.55 1.82
CA PHE B 268 10.90 -17.87 1.40
C PHE B 268 11.46 -19.05 2.18
N PHE B 269 10.75 -20.18 2.13
CA PHE B 269 11.20 -21.40 2.78
C PHE B 269 12.56 -21.80 2.22
N PRO B 270 13.41 -22.43 3.04
CA PRO B 270 14.72 -22.88 2.53
C PRO B 270 14.55 -23.76 1.29
N LYS B 271 15.28 -23.45 0.23
CA LYS B 271 15.21 -24.22 -1.01
C LYS B 271 15.99 -25.53 -0.94
C4 2J5 C . 1.24 7.69 -3.02
C4 2J5 C . 1.10 7.31 -3.62
C5 2J5 C . 1.46 9.98 -3.06
C5 2J5 C . 0.98 8.62 -5.51
C6 2J5 C . 1.67 11.36 -0.99
C6 2J5 C . 0.87 7.84 -7.89
N1 2J5 C . 1.53 11.18 -2.43
N1 2J5 C . 0.65 8.80 -6.80
C7 2J5 C . 3.07 11.33 -0.46
C7 2J5 C . -0.38 7.51 -8.67
C8 2J5 C . 3.80 12.50 -0.24
C8 2J5 C . -0.71 8.17 -9.87
C9 2J5 C . 5.04 12.46 0.38
C9 2J5 C . -1.90 7.91 -10.53
C10 2J5 C . 5.59 11.25 0.76
C10 2J5 C . -2.80 7.00 -10.03
C11 2J5 C . 4.91 10.08 0.52
C11 2J5 C . -2.52 6.34 -8.83
C12 2J5 C . 3.66 10.10 -0.09
C12 2J5 C . -1.32 6.59 -8.16
O 2J5 C . 3.00 8.95 -0.32
O 2J5 C . -1.05 5.91 -7.02
C1 2J5 C . 1.27 10.00 -4.50
C1 2J5 C . 1.27 9.80 -4.73
C 2J5 C . 1.31 11.26 -5.31
C 2J5 C . 1.33 11.19 -5.30
N 2J5 C . 1.46 8.84 -2.38
N 2J5 C . 0.91 7.40 -4.93
C3 2J5 C . 1.04 7.61 -4.37
C3 2J5 C . 1.37 8.37 -2.81
C2 2J5 C . 1.07 8.77 -5.10
C2 2J5 C . 1.46 9.62 -3.37
P PO4 D . -15.52 5.15 -10.40
O1 PO4 D . -14.85 4.25 -11.39
O2 PO4 D . -15.02 6.56 -10.57
O3 PO4 D . -17.03 5.15 -10.63
O4 PO4 D . -15.22 4.65 -9.00
P PO4 E . -6.69 -1.51 22.86
O1 PO4 E . -7.11 -1.98 21.49
O2 PO4 E . -6.13 -0.10 22.77
O3 PO4 E . -7.89 -1.50 23.79
O4 PO4 E . -5.62 -2.43 23.40
P PO4 F . -1.35 7.13 14.35
P PO4 F . 0.79 10.28 14.93
O1 PO4 F . 0.05 7.17 13.76
O1 PO4 F . 0.76 9.23 13.84
O2 PO4 F . -1.75 8.54 14.72
O2 PO4 F . 1.75 11.38 14.55
O3 PO4 F . -2.34 6.61 13.33
O3 PO4 F . -0.58 10.85 15.13
O4 PO4 F . -1.37 6.23 15.57
O4 PO4 F . 1.26 9.62 16.21
P PO4 G . -11.89 12.44 -19.14
O1 PO4 G . -11.06 11.94 -20.30
O2 PO4 G . -11.10 13.43 -18.34
O3 PO4 G . -13.13 13.10 -19.67
O4 PO4 G . -12.28 11.27 -18.25
P PO4 H . 17.46 9.14 3.08
O1 PO4 H . 17.13 10.18 2.02
O2 PO4 H . 18.96 9.11 3.26
O3 PO4 H . 16.78 9.45 4.39
O4 PO4 H . 16.97 7.78 2.58
P PO4 I . 2.02 -7.24 -14.38
P PO4 I . 0.47 -5.40 -17.58
O1 PO4 I . 2.44 -6.53 -15.65
O1 PO4 I . -0.08 -4.27 -18.41
O2 PO4 I . 3.06 -6.98 -13.30
O2 PO4 I . 1.92 -5.62 -17.93
O3 PO4 I . 0.68 -6.72 -13.95
O3 PO4 I . 0.35 -5.06 -16.11
O4 PO4 I . 1.94 -8.73 -14.63
O4 PO4 I . -0.32 -6.66 -17.86
#